data_4GHR
#
_entry.id   4GHR
#
_cell.length_a   90.224
_cell.length_b   64.518
_cell.length_c   70.592
_cell.angle_alpha   90.00
_cell.angle_beta   95.58
_cell.angle_gamma   90.00
#
_symmetry.space_group_name_H-M   'C 1 2 1'
#
loop_
_entity.id
_entity.type
_entity.pdbx_description
1 polymer 'Queuine tRNA-ribosyltransferase'
2 non-polymer 'ZINC ION'
3 non-polymer 2-(methylamino)-1,7-dihydro-8H-imidazo[4,5-g]quinazolin-8-one
4 non-polymer GLYCEROL
5 water water
#
_entity_poly.entity_id   1
_entity_poly.type   'polypeptide(L)'
_entity_poly.pdbx_seq_one_letter_code
;MVEATAQETDRPRFSFSIAAREGKARTGTIEMKRGVIRTPAFMPVGTAATVKALKPETVRATGADIILGNTYHLMLRPGA
ERIAKLGGLHSFMGWDRPILTNSGGYQVMSLSSLTKQSEEGVTFKSHLDGSRHMLSPERSIEIQHLLGSDIVMAFDECTP
YPATPSRAASSMERSMRWAKRSRDAFDSRKEQAENAALFGIQQGSVFENLRQQSADALAEIGFDGYAVGGLAVGEGQDEM
FRVLDFSVPMLPDDKPHYLMGVGKPDDIVGAVERGIDMFDCVLPTRSGRNGQAFTWDGPINIRNARFSEDLKPLDSECHC
AVCQKWSRAYIHHLIRAGEILGAMLMTEHNIAFYQQLMQKIRDSISEGRFSQFAQDFRARYFARNS
;
_entity_poly.pdbx_strand_id   A
#
loop_
_chem_comp.id
_chem_comp.type
_chem_comp.name
_chem_comp.formula
GOL non-polymer GLYCEROL 'C3 H8 O3'
ITE non-polymer 2-(methylamino)-1,7-dihydro-8H-imidazo[4,5-g]quinazolin-8-one 'C10 H9 N5 O'
ZN non-polymer 'ZINC ION' 'Zn 2'
#
# COMPACT_ATOMS: atom_id res chain seq x y z
N ARG A 11 -6.81 -22.61 -6.14
CA ARG A 11 -6.77 -21.20 -5.77
C ARG A 11 -7.87 -20.41 -6.46
N PRO A 12 -8.66 -19.67 -5.68
CA PRO A 12 -9.77 -18.93 -6.29
C PRO A 12 -9.28 -17.56 -6.76
N ARG A 13 -10.17 -16.89 -7.45
CA ARG A 13 -9.97 -15.53 -7.90
C ARG A 13 -9.67 -14.62 -6.72
N PHE A 14 -10.51 -14.68 -5.69
CA PHE A 14 -10.36 -13.88 -4.48
C PHE A 14 -11.11 -14.50 -3.30
N SER A 15 -10.40 -14.70 -2.20
CA SER A 15 -10.97 -15.16 -0.95
C SER A 15 -10.35 -14.45 0.24
N PHE A 16 -11.12 -13.78 1.08
CA PHE A 16 -10.56 -13.17 2.27
C PHE A 16 -11.08 -13.90 3.51
N SER A 17 -10.14 -14.40 4.29
CA SER A 17 -10.49 -15.16 5.49
C SER A 17 -9.78 -14.58 6.71
N ILE A 18 -10.59 -14.29 7.73
CA ILE A 18 -10.04 -13.75 8.97
C ILE A 18 -9.80 -14.88 9.96
N ALA A 19 -8.54 -15.03 10.38
CA ALA A 19 -8.12 -16.05 11.32
C ALA A 19 -8.21 -15.59 12.76
N ALA A 20 -7.98 -14.30 13.02
CA ALA A 20 -8.07 -13.83 14.40
C ALA A 20 -8.26 -12.31 14.43
N ARG A 21 -8.73 -11.90 15.59
CA ARG A 21 -9.11 -10.53 15.87
C ARG A 21 -8.72 -10.15 17.30
N GLU A 22 -8.55 -8.85 17.48
CA GLU A 22 -8.29 -8.23 18.76
C GLU A 22 -8.79 -6.79 18.70
N GLY A 23 -9.94 -6.57 19.35
CA GLY A 23 -10.59 -5.27 19.12
C GLY A 23 -10.92 -5.12 17.63
N LYS A 24 -10.57 -3.97 17.08
CA LYS A 24 -10.83 -3.75 15.67
C LYS A 24 -9.80 -4.41 14.77
N ALA A 25 -8.67 -4.80 15.35
CA ALA A 25 -7.60 -5.40 14.57
C ALA A 25 -7.96 -6.82 14.14
N ARG A 26 -7.48 -7.21 12.97
CA ARG A 26 -7.70 -8.50 12.34
C ARG A 26 -6.41 -9.02 11.72
N THR A 27 -6.28 -10.34 11.70
CA THR A 27 -5.22 -10.97 10.90
C THR A 27 -5.83 -12.15 10.13
N GLY A 28 -5.34 -12.38 8.91
CA GLY A 28 -5.90 -13.41 8.06
C GLY A 28 -5.20 -13.51 6.73
N THR A 29 -5.92 -13.95 5.69
CA THR A 29 -5.27 -14.17 4.42
C THR A 29 -6.19 -13.81 3.27
N ILE A 30 -5.59 -13.27 2.21
CA ILE A 30 -6.22 -13.13 0.92
C ILE A 30 -5.62 -14.16 -0.03
N GLU A 31 -6.47 -15.05 -0.54
CA GLU A 31 -6.03 -16.01 -1.56
C GLU A 31 -6.49 -15.50 -2.93
N MET A 32 -5.54 -15.50 -3.85
CA MET A 32 -5.73 -15.13 -5.24
C MET A 32 -5.03 -16.15 -6.13
N LYS A 33 -5.33 -16.12 -7.42
CA LYS A 33 -4.70 -17.11 -8.29
C LYS A 33 -3.19 -17.04 -8.21
N ARG A 34 -2.58 -15.85 -8.13
CA ARG A 34 -1.11 -15.80 -8.14
CA ARG A 34 -1.12 -15.77 -8.13
C ARG A 34 -0.47 -15.99 -6.76
N GLY A 35 -1.26 -16.26 -5.74
CA GLY A 35 -0.69 -16.47 -4.43
C GLY A 35 -1.53 -15.96 -3.28
N VAL A 36 -0.96 -16.20 -2.10
CA VAL A 36 -1.57 -15.88 -0.82
C VAL A 36 -0.94 -14.62 -0.22
N ILE A 37 -1.80 -13.83 0.40
CA ILE A 37 -1.40 -12.57 1.01
C ILE A 37 -1.79 -12.57 2.49
N ARG A 38 -0.77 -12.43 3.31
CA ARG A 38 -0.94 -12.35 4.76
C ARG A 38 -1.34 -10.93 5.16
N THR A 39 -2.45 -10.87 5.88
CA THR A 39 -2.93 -9.57 6.32
C THR A 39 -2.81 -9.44 7.84
N PRO A 40 -2.53 -8.28 8.39
CA PRO A 40 -2.13 -7.04 7.72
C PRO A 40 -0.84 -7.14 6.89
N ALA A 41 -0.95 -6.57 5.70
CA ALA A 41 0.04 -6.64 4.65
C ALA A 41 0.61 -5.27 4.31
N PHE A 42 1.91 -5.23 4.03
CA PHE A 42 2.57 -4.06 3.48
C PHE A 42 3.04 -4.39 2.06
N MET A 43 2.66 -3.54 1.14
CA MET A 43 2.97 -3.65 -0.27
C MET A 43 4.09 -2.69 -0.64
N PRO A 44 5.27 -3.21 -0.91
CA PRO A 44 6.33 -2.37 -1.47
C PRO A 44 5.82 -1.73 -2.77
N VAL A 45 6.18 -0.46 -2.96
CA VAL A 45 5.73 0.24 -4.16
C VAL A 45 6.75 0.12 -5.29
N GLY A 46 6.21 -0.22 -6.46
CA GLY A 46 6.93 -0.41 -7.69
C GLY A 46 6.62 0.80 -8.59
N THR A 47 7.53 1.74 -8.51
CA THR A 47 7.58 2.92 -9.34
C THR A 47 8.39 2.53 -10.60
N ALA A 48 7.67 2.44 -11.70
CA ALA A 48 8.04 2.16 -13.07
C ALA A 48 8.48 0.71 -13.32
N ALA A 49 7.63 -0.26 -13.01
CA ALA A 49 7.93 -1.66 -13.30
C ALA A 49 9.19 -2.12 -12.57
N THR A 50 9.44 -1.53 -11.43
CA THR A 50 10.50 -2.01 -10.55
C THR A 50 10.34 -1.41 -9.16
N VAL A 51 10.63 -2.20 -8.13
CA VAL A 51 10.77 -1.70 -6.77
C VAL A 51 12.20 -1.16 -6.70
N LYS A 52 12.31 0.16 -6.65
CA LYS A 52 13.57 0.84 -6.87
C LYS A 52 14.73 0.23 -6.09
N ALA A 53 15.79 -0.14 -6.80
CA ALA A 53 17.07 -0.65 -6.37
C ALA A 53 17.00 -2.09 -5.86
N LEU A 54 15.91 -2.82 -6.11
CA LEU A 54 15.82 -4.22 -5.70
C LEU A 54 15.35 -5.13 -6.83
N LYS A 55 15.96 -6.31 -6.90
CA LYS A 55 15.46 -7.39 -7.75
C LYS A 55 14.21 -7.97 -7.10
N PRO A 56 13.21 -8.40 -7.87
CA PRO A 56 12.01 -8.97 -7.25
C PRO A 56 12.33 -10.12 -6.31
N GLU A 57 13.40 -10.89 -6.56
CA GLU A 57 13.66 -12.01 -5.66
C GLU A 57 14.04 -11.47 -4.28
N THR A 58 14.68 -10.30 -4.29
CA THR A 58 15.04 -9.68 -3.02
C THR A 58 13.81 -9.13 -2.34
N VAL A 59 12.92 -8.54 -3.14
CA VAL A 59 11.63 -8.10 -2.59
C VAL A 59 10.95 -9.29 -1.92
N ARG A 60 10.89 -10.41 -2.64
CA ARG A 60 10.24 -11.57 -2.05
C ARG A 60 10.97 -12.04 -0.80
N ALA A 61 12.29 -12.03 -0.86
CA ALA A 61 13.08 -12.57 0.25
C ALA A 61 12.80 -11.80 1.52
N THR A 62 12.48 -10.51 1.39
CA THR A 62 12.24 -9.77 2.63
C THR A 62 10.86 -10.08 3.20
N GLY A 63 10.03 -10.78 2.42
CA GLY A 63 8.75 -11.25 2.96
C GLY A 63 7.53 -10.72 2.27
N ALA A 64 7.72 -9.80 1.31
CA ALA A 64 6.53 -9.28 0.63
C ALA A 64 5.73 -10.34 -0.11
N ASP A 65 4.42 -10.29 0.09
CA ASP A 65 3.48 -11.19 -0.56
C ASP A 65 2.89 -10.61 -1.84
N ILE A 66 2.94 -9.28 -1.90
CA ILE A 66 2.36 -8.53 -2.99
C ILE A 66 3.05 -7.17 -3.07
N ILE A 67 3.10 -6.66 -4.30
CA ILE A 67 3.70 -5.35 -4.55
C ILE A 67 2.66 -4.42 -5.17
N LEU A 68 2.90 -3.11 -5.10
CA LEU A 68 2.04 -2.15 -5.77
C LEU A 68 2.70 -1.73 -7.08
N GLY A 69 1.95 -1.90 -8.17
CA GLY A 69 2.39 -1.45 -9.48
C GLY A 69 1.78 -0.09 -9.79
N ASN A 70 2.64 0.91 -9.82
CA ASN A 70 2.23 2.27 -10.19
C ASN A 70 1.89 2.33 -11.67
N THR A 71 0.67 2.76 -11.97
CA THR A 71 0.16 2.80 -13.33
C THR A 71 0.60 4.06 -14.06
N TYR A 72 0.56 5.17 -13.37
CA TYR A 72 0.84 6.49 -13.91
C TYR A 72 2.06 6.52 -14.81
N HIS A 73 3.23 6.15 -14.27
CA HIS A 73 4.41 6.24 -15.11
C HIS A 73 4.36 5.30 -16.30
N LEU A 74 3.76 4.13 -16.11
CA LEU A 74 3.77 3.13 -17.19
C LEU A 74 2.78 3.49 -18.30
N MET A 75 1.69 4.16 -17.93
CA MET A 75 0.69 4.56 -18.92
C MET A 75 1.41 5.34 -20.03
N LEU A 76 2.30 6.22 -19.58
CA LEU A 76 3.07 7.08 -20.48
C LEU A 76 4.28 6.34 -21.06
N ARG A 77 5.12 5.75 -20.20
CA ARG A 77 6.22 4.99 -20.78
C ARG A 77 6.49 3.73 -19.99
N PRO A 78 6.58 2.56 -20.62
CA PRO A 78 6.45 2.38 -22.05
C PRO A 78 4.99 2.32 -22.52
N GLY A 79 4.03 2.76 -21.70
CA GLY A 79 2.64 2.71 -22.17
C GLY A 79 2.09 1.30 -22.00
N ALA A 80 0.82 1.16 -21.64
CA ALA A 80 0.27 -0.13 -21.23
C ALA A 80 0.15 -1.12 -22.37
N GLU A 81 -0.04 -0.62 -23.58
CA GLU A 81 -0.16 -1.59 -24.68
C GLU A 81 1.16 -2.28 -24.95
N ARG A 82 2.30 -1.59 -24.86
CA ARG A 82 3.57 -2.30 -25.06
C ARG A 82 3.83 -3.36 -24.02
N ILE A 83 3.49 -3.08 -22.76
CA ILE A 83 3.69 -4.05 -21.69
C ILE A 83 2.81 -5.28 -21.91
N ALA A 84 1.55 -5.01 -22.27
CA ALA A 84 0.66 -6.08 -22.71
C ALA A 84 1.31 -6.95 -23.78
N LYS A 85 1.81 -6.32 -24.83
CA LYS A 85 2.47 -6.98 -25.95
C LYS A 85 3.60 -7.89 -25.49
N LEU A 86 4.30 -7.44 -24.45
CA LEU A 86 5.47 -8.14 -23.94
C LEU A 86 5.11 -9.22 -22.92
N GLY A 87 3.83 -9.37 -22.61
CA GLY A 87 3.41 -10.42 -21.70
C GLY A 87 2.80 -9.96 -20.41
N GLY A 88 2.71 -8.66 -20.20
CA GLY A 88 2.12 -8.16 -18.95
C GLY A 88 3.25 -7.84 -17.97
N LEU A 89 2.98 -7.00 -16.99
CA LEU A 89 3.91 -6.52 -15.98
C LEU A 89 4.60 -7.64 -15.22
N HIS A 90 3.86 -8.68 -14.87
CA HIS A 90 4.42 -9.77 -14.10
C HIS A 90 5.65 -10.37 -14.80
N SER A 91 5.44 -10.67 -16.07
CA SER A 91 6.48 -11.25 -16.92
C SER A 91 7.61 -10.26 -17.14
N PHE A 92 7.24 -9.03 -17.46
CA PHE A 92 8.15 -7.93 -17.79
C PHE A 92 9.17 -7.68 -16.69
N MET A 93 8.69 -7.48 -15.47
CA MET A 93 9.59 -7.18 -14.34
C MET A 93 9.99 -8.38 -13.51
N GLY A 94 9.49 -9.56 -13.83
CA GLY A 94 9.89 -10.79 -13.16
C GLY A 94 9.34 -10.96 -11.76
N TRP A 95 8.09 -10.61 -11.55
CA TRP A 95 7.38 -10.78 -10.29
C TRP A 95 6.15 -11.64 -10.57
N ASP A 96 6.15 -12.88 -10.09
CA ASP A 96 5.03 -13.76 -10.45
C ASP A 96 3.91 -13.79 -9.42
N ARG A 97 4.01 -13.00 -8.37
CA ARG A 97 3.03 -12.97 -7.28
C ARG A 97 2.00 -11.87 -7.49
N PRO A 98 0.96 -11.76 -6.67
CA PRO A 98 -0.03 -10.70 -6.91
C PRO A 98 0.57 -9.31 -7.02
N ILE A 99 -0.09 -8.53 -7.88
CA ILE A 99 0.20 -7.12 -8.03
C ILE A 99 -1.08 -6.29 -7.94
N LEU A 100 -1.06 -5.31 -7.05
CA LEU A 100 -2.13 -4.32 -6.94
C LEU A 100 -1.69 -3.10 -7.76
N THR A 101 -2.57 -2.69 -8.66
CA THR A 101 -2.30 -1.52 -9.48
C THR A 101 -3.16 -0.34 -9.07
N ASN A 102 -2.53 0.85 -9.09
CA ASN A 102 -3.35 2.04 -8.83
C ASN A 102 -4.04 2.41 -10.14
N SER A 103 -4.96 3.37 -10.06
CA SER A 103 -5.74 3.70 -11.24
C SER A 103 -5.09 4.78 -12.10
N GLY A 104 -4.10 5.50 -11.56
CA GLY A 104 -3.39 6.54 -12.26
C GLY A 104 -3.84 7.96 -12.01
N GLY A 105 -5.06 8.17 -11.54
CA GLY A 105 -5.67 9.45 -11.29
C GLY A 105 -5.04 10.25 -10.18
N TYR A 106 -4.49 9.58 -9.16
CA TYR A 106 -3.91 10.34 -8.05
C TYR A 106 -2.78 11.24 -8.55
N GLN A 107 -1.83 10.64 -9.25
CA GLN A 107 -0.68 11.32 -9.80
C GLN A 107 -1.06 12.33 -10.87
N VAL A 108 -2.16 12.11 -11.59
CA VAL A 108 -2.58 13.05 -12.63
C VAL A 108 -2.99 14.38 -12.00
N GLN A 117 -10.32 18.31 -15.95
CA GLN A 117 -11.22 17.59 -15.07
C GLN A 117 -12.68 17.80 -15.46
N SER A 118 -13.42 16.71 -15.62
CA SER A 118 -14.84 16.70 -15.93
C SER A 118 -15.49 15.40 -15.50
N GLU A 119 -16.81 15.32 -15.66
CA GLU A 119 -17.51 14.08 -15.30
C GLU A 119 -16.97 12.88 -16.05
N GLU A 120 -16.53 13.02 -17.29
CA GLU A 120 -16.00 11.89 -18.05
C GLU A 120 -14.70 11.33 -17.48
N GLY A 121 -13.81 12.19 -17.00
CA GLY A 121 -12.51 11.84 -16.43
C GLY A 121 -11.53 12.98 -16.46
N VAL A 122 -10.23 12.67 -16.59
CA VAL A 122 -9.19 13.69 -16.56
C VAL A 122 -8.41 13.76 -17.86
N THR A 123 -8.34 14.95 -18.45
CA THR A 123 -7.63 15.11 -19.72
C THR A 123 -6.16 15.43 -19.47
N MET A 134 -6.40 12.42 -21.55
CA MET A 134 -7.70 11.77 -21.36
C MET A 134 -7.60 10.44 -20.62
N LEU A 135 -7.92 10.48 -19.33
CA LEU A 135 -8.05 9.28 -18.50
C LEU A 135 -9.39 9.32 -17.76
N SER A 136 -10.22 8.34 -18.04
CA SER A 136 -11.54 8.15 -17.46
C SER A 136 -11.59 6.84 -16.68
N PRO A 137 -12.64 6.59 -15.91
CA PRO A 137 -12.74 5.29 -15.23
C PRO A 137 -12.56 4.12 -16.17
N GLU A 138 -13.27 4.07 -17.29
CA GLU A 138 -13.12 2.96 -18.23
C GLU A 138 -11.69 2.74 -18.70
N ARG A 139 -10.96 3.79 -19.01
CA ARG A 139 -9.60 3.70 -19.53
C ARG A 139 -8.61 3.26 -18.47
N SER A 140 -8.79 3.78 -17.25
CA SER A 140 -7.95 3.33 -16.15
C SER A 140 -8.07 1.82 -15.93
N ILE A 141 -9.31 1.34 -15.95
CA ILE A 141 -9.59 -0.08 -15.74
C ILE A 141 -8.98 -0.90 -16.88
N GLU A 142 -9.08 -0.41 -18.11
CA GLU A 142 -8.48 -1.13 -19.25
C GLU A 142 -6.96 -1.16 -19.13
N ILE A 143 -6.40 -0.02 -18.74
CA ILE A 143 -4.94 0.02 -18.60
C ILE A 143 -4.46 -0.98 -17.55
N GLN A 144 -5.19 -1.10 -16.45
CA GLN A 144 -4.81 -2.01 -15.36
C GLN A 144 -4.94 -3.45 -15.85
N HIS A 145 -5.95 -3.70 -16.67
CA HIS A 145 -6.10 -4.98 -17.35
C HIS A 145 -4.91 -5.29 -18.26
N LEU A 146 -4.52 -4.34 -19.11
CA LEU A 146 -3.39 -4.49 -20.03
C LEU A 146 -2.11 -4.82 -19.29
N LEU A 147 -1.96 -4.21 -18.10
CA LEU A 147 -0.80 -4.50 -17.25
C LEU A 147 -0.89 -5.88 -16.59
N GLY A 148 -2.06 -6.47 -16.49
CA GLY A 148 -2.28 -7.77 -15.88
C GLY A 148 -2.40 -7.72 -14.36
N SER A 149 -3.01 -6.65 -13.87
CA SER A 149 -3.23 -6.41 -12.46
C SER A 149 -4.04 -7.54 -11.83
N ASP A 150 -3.69 -7.90 -10.60
CA ASP A 150 -4.45 -8.86 -9.80
C ASP A 150 -5.51 -8.15 -8.97
N ILE A 151 -5.11 -7.00 -8.42
CA ILE A 151 -6.04 -6.15 -7.68
C ILE A 151 -6.06 -4.76 -8.35
N VAL A 152 -7.18 -4.41 -8.94
CA VAL A 152 -7.56 -3.26 -9.71
C VAL A 152 -8.26 -2.25 -8.80
N MET A 153 -7.77 -1.02 -8.77
CA MET A 153 -8.38 0.04 -7.99
C MET A 153 -9.33 0.84 -8.87
N ALA A 154 -10.54 1.05 -8.36
CA ALA A 154 -11.49 1.97 -8.99
C ALA A 154 -10.84 3.35 -9.14
N PHE A 155 -11.18 4.04 -10.21
CA PHE A 155 -10.76 5.40 -10.53
C PHE A 155 -11.57 6.42 -9.74
N ASP A 156 -10.92 7.27 -8.97
CA ASP A 156 -11.61 8.20 -8.07
C ASP A 156 -11.05 9.61 -8.21
N GLU A 157 -11.55 10.50 -7.38
CA GLU A 157 -11.06 11.85 -7.12
C GLU A 157 -10.66 11.96 -5.65
N CYS A 158 -9.36 11.98 -5.38
CA CYS A 158 -8.90 12.14 -4.01
C CYS A 158 -8.98 13.62 -3.62
N THR A 159 -9.92 13.91 -2.73
CA THR A 159 -10.20 15.27 -2.29
C THR A 159 -9.01 15.93 -1.59
N PRO A 160 -8.59 17.07 -2.10
CA PRO A 160 -7.56 17.86 -1.43
C PRO A 160 -7.93 18.17 0.01
N TYR A 161 -6.91 18.35 0.84
CA TYR A 161 -7.09 18.65 2.24
C TYR A 161 -6.52 20.03 2.56
N PRO A 162 -7.23 20.90 3.27
CA PRO A 162 -8.59 20.70 3.73
C PRO A 162 -9.60 21.03 2.62
N ALA A 163 -10.81 20.53 2.79
CA ALA A 163 -11.93 20.71 1.90
C ALA A 163 -13.18 21.19 2.65
N THR A 164 -13.92 22.10 2.01
CA THR A 164 -15.18 22.50 2.65
C THR A 164 -16.14 21.32 2.48
N PRO A 165 -17.15 21.29 3.33
CA PRO A 165 -18.14 20.22 3.22
C PRO A 165 -18.70 20.12 1.80
N SER A 166 -18.84 21.24 1.10
CA SER A 166 -19.51 21.24 -0.20
C SER A 166 -18.70 20.53 -1.28
N ARG A 167 -17.43 20.87 -1.34
CA ARG A 167 -16.46 20.32 -2.27
C ARG A 167 -16.21 18.85 -1.95
N ALA A 168 -16.05 18.53 -0.68
CA ALA A 168 -15.85 17.14 -0.26
C ALA A 168 -16.99 16.25 -0.74
N ALA A 169 -18.23 16.77 -0.65
CA ALA A 169 -19.42 16.04 -1.06
C ALA A 169 -19.47 15.86 -2.58
N SER A 170 -19.17 16.97 -3.27
CA SER A 170 -19.23 16.90 -4.73
C SER A 170 -18.17 15.92 -5.24
N SER A 171 -16.99 15.97 -4.64
CA SER A 171 -15.89 15.09 -5.01
C SER A 171 -16.25 13.64 -4.70
N MET A 172 -16.80 13.47 -3.49
CA MET A 172 -17.17 12.12 -3.09
C MET A 172 -18.25 11.56 -4.01
N GLU A 173 -19.24 12.36 -4.37
CA GLU A 173 -20.33 11.91 -5.21
C GLU A 173 -19.83 11.50 -6.59
N ARG A 174 -18.92 12.32 -7.10
CA ARG A 174 -18.33 12.01 -8.40
C ARG A 174 -17.58 10.68 -8.30
N SER A 175 -16.74 10.58 -7.28
CA SER A 175 -16.01 9.32 -7.09
C SER A 175 -16.96 8.13 -6.98
N MET A 176 -18.14 8.32 -6.40
CA MET A 176 -19.03 7.15 -6.32
C MET A 176 -19.60 6.81 -7.69
N ARG A 177 -19.90 7.82 -8.49
CA ARG A 177 -20.34 7.54 -9.87
C ARG A 177 -19.22 6.86 -10.65
N TRP A 178 -17.99 7.33 -10.45
CA TRP A 178 -16.84 6.73 -11.14
C TRP A 178 -16.61 5.32 -10.61
N ALA A 179 -17.05 5.09 -9.39
CA ALA A 179 -16.90 3.80 -8.72
C ALA A 179 -17.79 2.76 -9.40
N LYS A 180 -19.00 3.19 -9.74
CA LYS A 180 -19.97 2.38 -10.45
C LYS A 180 -19.48 2.10 -11.87
N ARG A 181 -18.96 3.12 -12.54
CA ARG A 181 -18.43 2.92 -13.89
C ARG A 181 -17.24 1.97 -13.92
N SER A 182 -16.39 2.07 -12.89
CA SER A 182 -15.24 1.18 -12.75
C SER A 182 -15.70 -0.28 -12.67
N ARG A 183 -16.63 -0.55 -11.77
CA ARG A 183 -17.22 -1.88 -11.62
C ARG A 183 -17.76 -2.41 -12.95
N ASP A 184 -18.58 -1.60 -13.62
CA ASP A 184 -19.18 -2.02 -14.87
C ASP A 184 -18.07 -2.26 -15.89
N ALA A 185 -17.05 -1.38 -15.88
CA ALA A 185 -15.99 -1.58 -16.87
C ALA A 185 -15.27 -2.89 -16.56
N PHE A 186 -14.95 -3.07 -15.28
CA PHE A 186 -14.28 -4.30 -14.86
C PHE A 186 -15.13 -5.51 -15.22
N ASP A 187 -16.42 -5.42 -14.93
CA ASP A 187 -17.31 -6.55 -15.17
C ASP A 187 -17.53 -6.88 -16.64
N SER A 188 -17.36 -5.89 -17.50
N SER A 188 -17.36 -5.89 -17.51
CA SER A 188 -17.57 -6.07 -18.94
CA SER A 188 -17.61 -6.10 -18.94
C SER A 188 -16.53 -7.01 -19.54
C SER A 188 -16.40 -6.70 -19.64
N ARG A 189 -15.39 -7.09 -18.87
CA ARG A 189 -14.22 -7.77 -19.43
C ARG A 189 -13.99 -9.12 -18.78
N LYS A 190 -14.41 -10.18 -19.46
CA LYS A 190 -14.46 -11.53 -18.95
C LYS A 190 -13.20 -11.98 -18.22
N GLU A 191 -12.07 -11.82 -18.91
CA GLU A 191 -10.84 -12.34 -18.33
C GLU A 191 -10.50 -11.58 -17.06
N GLN A 192 -10.71 -10.27 -17.08
CA GLN A 192 -10.44 -9.44 -15.90
C GLN A 192 -11.32 -9.85 -14.74
N ALA A 193 -12.62 -9.89 -15.00
CA ALA A 193 -13.62 -10.25 -14.02
C ALA A 193 -13.39 -11.63 -13.42
N GLU A 194 -12.81 -12.54 -14.21
CA GLU A 194 -12.67 -13.92 -13.73
C GLU A 194 -11.34 -14.16 -13.04
N ASN A 195 -10.33 -13.32 -13.27
CA ASN A 195 -9.01 -13.60 -12.69
C ASN A 195 -8.49 -12.51 -11.75
N ALA A 196 -9.11 -11.34 -11.77
CA ALA A 196 -8.66 -10.22 -10.96
C ALA A 196 -9.73 -9.81 -9.95
N ALA A 197 -9.35 -8.98 -8.99
CA ALA A 197 -10.25 -8.44 -7.98
C ALA A 197 -10.37 -6.92 -8.16
N LEU A 198 -11.46 -6.36 -7.66
CA LEU A 198 -11.71 -4.92 -7.76
C LEU A 198 -12.00 -4.32 -6.40
N PHE A 199 -11.25 -3.27 -6.06
CA PHE A 199 -11.44 -2.54 -4.82
C PHE A 199 -12.07 -1.17 -5.05
N GLY A 200 -13.00 -0.80 -4.19
CA GLY A 200 -13.63 0.51 -4.22
C GLY A 200 -12.89 1.45 -3.26
N ILE A 201 -13.08 2.75 -3.40
CA ILE A 201 -12.38 3.71 -2.56
C ILE A 201 -13.30 4.72 -1.90
N GLN A 202 -13.30 4.68 -0.56
CA GLN A 202 -14.09 5.64 0.22
C GLN A 202 -13.37 7.00 0.29
N GLN A 203 -14.10 8.06 0.13
CA GLN A 203 -13.87 9.48 0.17
C GLN A 203 -14.84 10.12 1.16
N GLY A 204 -14.84 11.46 1.22
CA GLY A 204 -15.67 12.09 2.23
C GLY A 204 -14.90 13.04 3.14
N SER A 205 -13.61 13.21 2.89
CA SER A 205 -12.78 14.11 3.68
C SER A 205 -12.89 13.76 5.16
N VAL A 206 -12.98 14.74 6.05
CA VAL A 206 -13.03 14.46 7.48
C VAL A 206 -14.46 14.37 8.01
N PHE A 207 -15.44 14.28 7.10
CA PHE A 207 -16.82 14.38 7.54
C PHE A 207 -17.56 13.04 7.57
N GLU A 208 -18.02 12.68 8.75
CA GLU A 208 -18.63 11.42 9.08
C GLU A 208 -19.81 11.08 8.17
N ASN A 209 -20.70 12.05 8.01
CA ASN A 209 -21.87 11.80 7.18
C ASN A 209 -21.50 11.50 5.74
N LEU A 210 -20.46 12.16 5.23
CA LEU A 210 -20.03 11.87 3.86
C LEU A 210 -19.38 10.50 3.77
N ARG A 211 -18.55 10.19 4.76
CA ARG A 211 -17.86 8.89 4.76
C ARG A 211 -18.83 7.72 4.73
N GLN A 212 -19.90 7.88 5.50
CA GLN A 212 -20.98 6.94 5.59
C GLN A 212 -21.78 6.82 4.30
N GLN A 213 -22.06 7.96 3.68
CA GLN A 213 -22.75 7.90 2.39
C GLN A 213 -21.84 7.18 1.40
N SER A 214 -20.54 7.50 1.51
CA SER A 214 -19.65 6.87 0.56
C SER A 214 -19.56 5.37 0.80
N ALA A 215 -19.42 4.99 2.07
CA ALA A 215 -19.41 3.57 2.41
C ALA A 215 -20.65 2.86 1.89
N ASP A 216 -21.81 3.52 2.04
CA ASP A 216 -23.06 2.87 1.63
C ASP A 216 -23.10 2.65 0.14
N ALA A 217 -22.72 3.69 -0.60
CA ALA A 217 -22.72 3.58 -2.06
C ALA A 217 -21.81 2.45 -2.53
N LEU A 218 -20.61 2.41 -1.97
CA LEU A 218 -19.64 1.37 -2.34
C LEU A 218 -20.16 -0.02 -2.00
N ALA A 219 -20.75 -0.16 -0.82
CA ALA A 219 -21.30 -1.46 -0.44
C ALA A 219 -22.38 -1.90 -1.41
N GLU A 220 -23.18 -0.91 -1.77
CA GLU A 220 -24.29 -1.09 -2.70
C GLU A 220 -23.81 -1.58 -4.07
N ILE A 221 -22.82 -0.89 -4.61
CA ILE A 221 -22.20 -1.36 -5.85
C ILE A 221 -21.57 -2.73 -5.61
N GLY A 222 -20.78 -2.84 -4.55
CA GLY A 222 -20.16 -4.11 -4.19
C GLY A 222 -18.75 -4.25 -4.75
N PHE A 223 -17.77 -4.44 -3.86
CA PHE A 223 -16.37 -4.67 -4.23
C PHE A 223 -15.74 -5.81 -3.44
N ASP A 224 -14.58 -6.29 -3.89
CA ASP A 224 -13.86 -7.37 -3.23
C ASP A 224 -13.10 -6.87 -2.01
N GLY A 225 -12.93 -5.55 -1.99
CA GLY A 225 -12.17 -4.83 -0.99
C GLY A 225 -12.49 -3.34 -1.03
N TYR A 226 -12.25 -2.70 0.11
CA TYR A 226 -12.56 -1.30 0.31
C TYR A 226 -11.35 -0.53 0.85
N ALA A 227 -10.97 0.48 0.10
CA ALA A 227 -9.90 1.36 0.54
C ALA A 227 -10.45 2.59 1.23
N VAL A 228 -9.66 3.13 2.16
CA VAL A 228 -9.99 4.42 2.75
C VAL A 228 -9.11 5.45 2.05
N GLY A 229 -9.74 6.23 1.18
CA GLY A 229 -9.05 7.26 0.44
C GLY A 229 -9.15 8.60 1.14
N GLY A 230 -8.42 9.59 0.63
CA GLY A 230 -8.48 10.95 1.13
C GLY A 230 -7.66 11.20 2.38
N LEU A 231 -6.81 10.26 2.76
CA LEU A 231 -5.98 10.44 3.95
C LEU A 231 -4.51 10.43 3.52
N ALA A 232 -3.61 10.66 4.45
CA ALA A 232 -2.20 10.78 4.05
C ALA A 232 -2.03 11.88 3.02
N VAL A 233 -2.75 12.99 3.19
CA VAL A 233 -2.64 14.12 2.27
C VAL A 233 -2.52 15.47 2.97
N GLY A 234 -1.92 15.49 4.15
CA GLY A 234 -1.64 16.69 4.90
C GLY A 234 -2.29 16.86 6.26
N GLU A 235 -3.17 15.97 6.68
CA GLU A 235 -3.96 16.09 7.89
C GLU A 235 -3.23 15.80 9.19
N GLY A 236 -2.07 15.18 9.20
CA GLY A 236 -1.51 14.89 10.52
C GLY A 236 -2.07 13.61 11.12
N GLN A 237 -1.25 12.88 11.86
CA GLN A 237 -1.63 11.57 12.35
C GLN A 237 -2.88 11.62 13.22
N ASP A 238 -2.97 12.65 14.06
CA ASP A 238 -4.11 12.78 14.97
C ASP A 238 -5.41 12.83 14.18
N GLU A 239 -5.49 13.69 13.18
CA GLU A 239 -6.73 13.81 12.42
C GLU A 239 -7.01 12.53 11.63
N MET A 240 -5.94 11.96 11.08
CA MET A 240 -6.11 10.74 10.30
C MET A 240 -6.71 9.60 11.13
N PHE A 241 -6.21 9.43 12.34
CA PHE A 241 -6.67 8.36 13.24
C PHE A 241 -8.11 8.61 13.65
N ARG A 242 -8.41 9.90 13.82
CA ARG A 242 -9.80 10.23 14.16
C ARG A 242 -10.75 9.86 13.04
N VAL A 243 -10.37 10.14 11.78
CA VAL A 243 -11.28 9.80 10.69
C VAL A 243 -11.37 8.28 10.53
N LEU A 244 -10.25 7.60 10.76
CA LEU A 244 -10.26 6.14 10.72
C LEU A 244 -11.19 5.58 11.78
N ASP A 245 -11.20 6.22 12.95
CA ASP A 245 -12.02 5.73 14.06
C ASP A 245 -13.48 5.51 13.67
N PHE A 246 -14.07 6.46 12.94
CA PHE A 246 -15.47 6.34 12.55
C PHE A 246 -15.62 5.78 11.14
N SER A 247 -14.56 5.89 10.34
CA SER A 247 -14.71 5.52 8.93
C SER A 247 -14.57 4.03 8.67
N VAL A 248 -13.57 3.38 9.25
CA VAL A 248 -13.36 1.95 8.97
C VAL A 248 -14.52 1.07 9.40
N PRO A 249 -15.16 1.26 10.55
CA PRO A 249 -16.36 0.47 10.85
C PRO A 249 -17.48 0.62 9.83
N MET A 250 -17.43 1.64 8.98
CA MET A 250 -18.51 1.78 8.00
C MET A 250 -18.36 0.79 6.85
N LEU A 251 -17.16 0.29 6.60
CA LEU A 251 -16.87 -0.62 5.50
C LEU A 251 -17.28 -2.05 5.86
N PRO A 252 -17.66 -2.84 4.89
CA PRO A 252 -17.96 -4.25 5.15
C PRO A 252 -16.81 -4.91 5.90
N ASP A 253 -17.18 -5.51 7.02
CA ASP A 253 -16.23 -6.12 7.91
C ASP A 253 -15.54 -7.31 7.24
N ASP A 254 -16.26 -7.93 6.31
CA ASP A 254 -15.82 -9.23 5.82
C ASP A 254 -14.92 -9.08 4.60
N LYS A 255 -14.53 -7.84 4.31
CA LYS A 255 -13.63 -7.58 3.18
C LYS A 255 -12.39 -6.81 3.64
N PRO A 256 -11.28 -6.93 2.93
CA PRO A 256 -10.07 -6.20 3.29
C PRO A 256 -10.27 -4.69 3.26
N HIS A 257 -9.60 -4.03 4.18
CA HIS A 257 -9.61 -2.58 4.34
C HIS A 257 -8.22 -2.02 4.07
N TYR A 258 -8.13 -1.21 3.03
CA TYR A 258 -6.84 -0.72 2.56
C TYR A 258 -6.72 0.79 2.75
N LEU A 259 -5.71 1.17 3.53
CA LEU A 259 -5.33 2.55 3.73
C LEU A 259 -4.23 2.98 2.76
N MET A 260 -4.64 3.73 1.74
CA MET A 260 -3.81 4.12 0.62
C MET A 260 -2.78 5.17 1.03
N GLY A 261 -1.53 4.91 0.68
CA GLY A 261 -0.45 5.83 0.88
C GLY A 261 0.11 5.91 2.28
N VAL A 262 -0.26 4.99 3.16
CA VAL A 262 0.26 5.01 4.51
C VAL A 262 1.10 3.80 4.86
N GLY A 263 2.22 3.97 5.54
CA GLY A 263 2.83 5.22 5.98
C GLY A 263 4.04 4.93 6.87
N LYS A 264 4.30 5.76 7.87
CA LYS A 264 5.32 5.52 8.88
C LYS A 264 4.99 4.28 9.70
N PRO A 265 5.98 3.60 10.24
CA PRO A 265 5.70 2.45 11.13
C PRO A 265 4.65 2.78 12.19
N ASP A 266 4.70 3.97 12.78
CA ASP A 266 3.70 4.21 13.83
C ASP A 266 2.32 4.48 13.24
N ASP A 267 2.26 5.02 12.04
CA ASP A 267 1.01 5.16 11.32
C ASP A 267 0.32 3.81 11.11
N ILE A 268 1.16 2.86 10.70
CA ILE A 268 0.68 1.53 10.35
C ILE A 268 0.13 0.83 11.59
N VAL A 269 0.88 0.91 12.68
CA VAL A 269 0.43 0.23 13.90
C VAL A 269 -0.93 0.75 14.34
N GLY A 270 -1.06 2.08 14.39
CA GLY A 270 -2.30 2.70 14.83
C GLY A 270 -3.47 2.46 13.91
N ALA A 271 -3.18 2.34 12.61
CA ALA A 271 -4.22 2.07 11.63
C ALA A 271 -4.69 0.61 11.73
N VAL A 272 -3.77 -0.30 12.05
CA VAL A 272 -4.18 -1.69 12.26
C VAL A 272 -5.08 -1.75 13.48
N GLU A 273 -4.76 -0.94 14.49
CA GLU A 273 -5.57 -0.88 15.70
C GLU A 273 -6.99 -0.43 15.39
N ARG A 274 -7.15 0.26 14.27
CA ARG A 274 -8.39 0.81 13.78
C ARG A 274 -9.02 -0.03 12.68
N GLY A 275 -8.51 -1.25 12.44
CA GLY A 275 -9.15 -2.12 11.49
C GLY A 275 -8.64 -2.17 10.07
N ILE A 276 -7.48 -1.60 9.77
CA ILE A 276 -6.87 -1.62 8.43
C ILE A 276 -6.06 -2.90 8.23
N ASP A 277 -6.20 -3.48 7.04
CA ASP A 277 -5.60 -4.72 6.62
C ASP A 277 -4.47 -4.55 5.62
N MET A 278 -4.42 -3.42 4.91
CA MET A 278 -3.49 -3.27 3.80
C MET A 278 -2.90 -1.87 3.72
N PHE A 279 -1.60 -1.85 3.41
CA PHE A 279 -0.84 -0.63 3.33
C PHE A 279 0.11 -0.59 2.13
N ASP A 280 0.34 0.63 1.65
CA ASP A 280 1.42 0.92 0.72
C ASP A 280 2.00 2.30 1.05
N CYS A 281 3.27 2.44 0.76
CA CYS A 281 4.02 3.66 1.00
C CYS A 281 5.37 3.65 0.28
N VAL A 282 5.84 4.79 -0.21
CA VAL A 282 7.15 4.91 -0.83
C VAL A 282 8.22 5.21 0.22
N LEU A 283 7.82 5.43 1.46
CA LEU A 283 8.77 5.82 2.51
C LEU A 283 9.96 4.88 2.61
N PRO A 284 9.78 3.58 2.80
CA PRO A 284 10.96 2.72 3.02
C PRO A 284 11.93 2.74 1.86
N THR A 285 11.40 2.80 0.64
CA THR A 285 12.28 2.82 -0.54
C THR A 285 12.94 4.19 -0.75
N ARG A 286 12.13 5.22 -0.98
CA ARG A 286 12.55 6.59 -1.18
C ARG A 286 13.36 7.13 -0.01
N SER A 287 12.89 6.91 1.22
CA SER A 287 13.62 7.37 2.40
C SER A 287 14.96 6.64 2.49
N GLY A 288 14.93 5.36 2.14
CA GLY A 288 16.15 4.58 2.11
C GLY A 288 17.22 5.23 1.25
N ARG A 289 16.84 5.61 0.03
CA ARG A 289 17.82 6.19 -0.88
C ARG A 289 18.31 7.53 -0.37
N ASN A 290 17.50 8.23 0.43
CA ASN A 290 17.92 9.52 0.97
C ASN A 290 18.73 9.38 2.25
N GLY A 291 18.94 8.14 2.71
CA GLY A 291 19.73 7.89 3.89
C GLY A 291 18.95 7.58 5.15
N GLN A 292 17.62 7.50 5.08
CA GLN A 292 16.90 7.23 6.31
C GLN A 292 16.65 5.73 6.47
N ALA A 293 17.14 5.17 7.57
CA ALA A 293 16.94 3.77 7.92
C ALA A 293 15.96 3.60 9.08
N PHE A 294 15.04 2.66 8.97
CA PHE A 294 14.12 2.38 10.07
C PHE A 294 14.70 1.40 11.08
N THR A 295 14.60 1.71 12.37
CA THR A 295 15.06 0.81 13.42
C THR A 295 13.99 0.69 14.50
N TRP A 296 14.08 -0.31 15.38
CA TRP A 296 13.07 -0.46 16.43
C TRP A 296 13.09 0.65 17.46
N ASP A 297 14.22 1.32 17.51
CA ASP A 297 14.48 2.49 18.33
C ASP A 297 14.26 3.78 17.55
N GLY A 298 13.57 3.69 16.42
CA GLY A 298 13.24 4.87 15.65
C GLY A 298 14.11 5.00 14.42
N PRO A 299 13.76 5.93 13.56
CA PRO A 299 14.51 6.16 12.33
C PRO A 299 15.84 6.87 12.58
N ILE A 300 16.83 6.56 11.78
CA ILE A 300 18.14 7.20 11.83
C ILE A 300 18.54 7.70 10.45
N ASN A 301 19.37 8.75 10.47
CA ASN A 301 19.96 9.27 9.26
C ASN A 301 21.40 8.80 9.16
N ILE A 302 21.62 7.69 8.45
CA ILE A 302 22.93 7.05 8.34
C ILE A 302 24.01 7.99 7.82
N ARG A 303 23.62 9.07 7.16
CA ARG A 303 24.56 10.08 6.69
C ARG A 303 25.20 10.84 7.85
N ASN A 304 24.55 10.87 9.00
CA ASN A 304 25.04 11.64 10.14
C ASN A 304 26.44 11.15 10.52
N ALA A 305 27.28 12.13 10.81
CA ALA A 305 28.69 11.89 11.12
C ALA A 305 28.87 10.88 12.24
N ARG A 306 27.88 10.80 13.12
CA ARG A 306 27.98 9.92 14.28
C ARG A 306 28.09 8.46 13.87
N PHE A 307 27.70 8.12 12.65
CA PHE A 307 27.75 6.72 12.22
C PHE A 307 29.01 6.36 11.43
N SER A 308 29.95 7.31 11.30
CA SER A 308 31.13 7.21 10.47
C SER A 308 32.01 6.03 10.85
N GLU A 309 32.06 5.69 12.13
CA GLU A 309 32.91 4.60 12.57
C GLU A 309 32.12 3.59 13.38
N ASP A 310 30.81 3.53 13.12
CA ASP A 310 29.94 2.62 13.85
C ASP A 310 29.83 1.27 13.15
N LEU A 311 30.40 0.26 13.82
CA LEU A 311 30.49 -1.07 13.22
C LEU A 311 29.22 -1.87 13.42
N LYS A 312 28.26 -1.33 14.18
CA LYS A 312 27.00 -2.02 14.31
C LYS A 312 26.17 -2.00 13.03
N PRO A 313 25.33 -3.01 12.89
CA PRO A 313 24.40 -3.04 11.75
C PRO A 313 23.39 -1.91 11.89
N LEU A 314 22.60 -1.66 10.85
CA LEU A 314 21.61 -0.60 10.93
C LEU A 314 20.70 -0.75 12.15
N ASP A 315 20.25 -1.98 12.39
CA ASP A 315 19.44 -2.30 13.56
C ASP A 315 19.89 -3.60 14.23
N SER A 316 19.94 -3.56 15.55
CA SER A 316 20.45 -4.58 16.43
C SER A 316 19.76 -5.92 16.26
N GLU A 317 18.46 -5.87 15.97
CA GLU A 317 17.69 -7.11 15.97
C GLU A 317 17.20 -7.50 14.57
N CYS A 318 17.42 -6.61 13.62
CA CYS A 318 16.90 -6.88 12.29
C CYS A 318 17.50 -8.17 11.74
N HIS A 319 16.68 -9.01 11.11
CA HIS A 319 17.25 -10.26 10.60
C HIS A 319 17.61 -10.18 9.13
N CYS A 320 17.52 -9.00 8.51
CA CYS A 320 17.80 -8.95 7.07
C CYS A 320 19.25 -9.19 6.74
N ALA A 321 19.52 -9.52 5.49
CA ALA A 321 20.86 -9.84 5.00
C ALA A 321 21.80 -8.65 5.09
N VAL A 322 21.24 -7.45 4.98
CA VAL A 322 22.11 -6.29 5.08
C VAL A 322 22.66 -6.18 6.49
N CYS A 323 21.79 -6.43 7.46
CA CYS A 323 22.16 -6.32 8.86
C CYS A 323 23.03 -7.48 9.31
N GLN A 324 22.93 -8.62 8.65
CA GLN A 324 23.83 -9.74 8.88
C GLN A 324 25.25 -9.48 8.41
N LYS A 325 25.43 -8.66 7.38
CA LYS A 325 26.69 -8.50 6.70
C LYS A 325 27.33 -7.13 6.69
N TRP A 326 26.62 -6.00 6.66
CA TRP A 326 27.36 -4.73 6.56
C TRP A 326 27.09 -3.83 7.76
N SER A 327 28.06 -2.96 8.03
CA SER A 327 27.99 -2.03 9.14
C SER A 327 27.39 -0.69 8.72
N ARG A 328 26.91 0.01 9.74
CA ARG A 328 26.52 1.41 9.64
C ARG A 328 27.61 2.23 8.97
N ALA A 329 28.85 2.08 9.42
CA ALA A 329 29.95 2.88 8.86
C ALA A 329 30.07 2.69 7.36
N TYR A 330 29.91 1.45 6.88
CA TYR A 330 30.04 1.19 5.46
C TYR A 330 28.90 1.85 4.68
N ILE A 331 27.67 1.71 5.17
CA ILE A 331 26.50 2.27 4.49
C ILE A 331 26.51 3.78 4.54
N HIS A 332 27.04 4.35 5.61
CA HIS A 332 27.29 5.77 5.74
C HIS A 332 28.18 6.26 4.62
N HIS A 333 29.29 5.56 4.41
CA HIS A 333 30.21 5.96 3.34
C HIS A 333 29.54 5.86 1.98
N LEU A 334 28.88 4.74 1.70
CA LEU A 334 28.21 4.55 0.41
C LEU A 334 27.22 5.66 0.09
N ILE A 335 26.31 5.95 1.01
CA ILE A 335 25.28 6.97 0.75
C ILE A 335 25.94 8.31 0.52
N ARG A 336 26.93 8.63 1.36
CA ARG A 336 27.61 9.93 1.22
C ARG A 336 28.34 10.02 -0.11
N ALA A 337 28.83 8.88 -0.60
CA ALA A 337 29.56 8.84 -1.86
C ALA A 337 28.64 8.75 -3.07
N GLY A 338 27.34 8.70 -2.83
CA GLY A 338 26.38 8.57 -3.91
C GLY A 338 26.42 7.22 -4.61
N GLU A 339 26.89 6.17 -3.93
CA GLU A 339 27.01 4.86 -4.55
C GLU A 339 25.68 4.11 -4.60
N ILE A 340 25.52 3.40 -5.71
CA ILE A 340 24.29 2.66 -5.94
C ILE A 340 24.11 1.54 -4.93
N LEU A 341 25.19 0.84 -4.56
CA LEU A 341 25.04 -0.18 -3.53
C LEU A 341 24.45 0.40 -2.26
N GLY A 342 24.69 1.69 -1.99
CA GLY A 342 24.11 2.34 -0.82
C GLY A 342 22.60 2.37 -0.85
N ALA A 343 22.06 2.76 -2.00
CA ALA A 343 20.62 2.73 -2.19
C ALA A 343 20.08 1.31 -2.09
N MET A 344 20.80 0.34 -2.66
CA MET A 344 20.39 -1.06 -2.66
C MET A 344 20.26 -1.61 -1.24
N LEU A 345 21.27 -1.36 -0.42
CA LEU A 345 21.34 -1.92 0.92
C LEU A 345 20.37 -1.20 1.86
N MET A 346 20.29 0.11 1.74
CA MET A 346 19.33 0.83 2.57
C MET A 346 17.92 0.38 2.24
N THR A 347 17.68 0.11 0.96
CA THR A 347 16.31 -0.19 0.54
C THR A 347 15.90 -1.59 0.99
N GLU A 348 16.88 -2.50 0.87
CA GLU A 348 16.61 -3.88 1.27
C GLU A 348 16.33 -3.92 2.77
N HIS A 349 17.14 -3.20 3.54
CA HIS A 349 16.92 -3.18 4.98
C HIS A 349 15.54 -2.63 5.34
N ASN A 350 15.18 -1.47 4.81
CA ASN A 350 13.93 -0.78 5.13
C ASN A 350 12.70 -1.63 4.81
N ILE A 351 12.68 -2.21 3.61
CA ILE A 351 11.57 -3.10 3.25
C ILE A 351 11.56 -4.34 4.13
N ALA A 352 12.76 -4.80 4.50
CA ALA A 352 12.79 -5.93 5.42
C ALA A 352 12.22 -5.56 6.78
N PHE A 353 12.58 -4.35 7.20
CA PHE A 353 12.10 -3.86 8.49
C PHE A 353 10.58 -3.81 8.47
N TYR A 354 10.04 -3.23 7.39
CA TYR A 354 8.58 -3.10 7.30
C TYR A 354 7.89 -4.45 7.30
N GLN A 355 8.47 -5.41 6.60
CA GLN A 355 7.82 -6.73 6.61
C GLN A 355 7.93 -7.37 7.98
N GLN A 356 8.99 -7.07 8.73
CA GLN A 356 9.17 -7.70 10.05
C GLN A 356 8.13 -7.11 11.00
N LEU A 357 7.89 -5.81 10.82
CA LEU A 357 6.85 -5.08 11.52
C LEU A 357 5.49 -5.74 11.30
N MET A 358 5.15 -5.96 10.02
CA MET A 358 3.89 -6.59 9.66
C MET A 358 3.78 -8.00 10.27
N GLN A 359 4.86 -8.78 10.24
CA GLN A 359 4.87 -10.11 10.84
C GLN A 359 4.60 -10.01 12.35
N LYS A 360 5.25 -9.05 12.99
CA LYS A 360 5.05 -8.82 14.43
C LYS A 360 3.60 -8.46 14.76
N ILE A 361 3.00 -7.64 13.91
CA ILE A 361 1.60 -7.29 14.02
C ILE A 361 0.70 -8.52 13.90
N ARG A 362 0.91 -9.30 12.86
CA ARG A 362 0.15 -10.52 12.60
C ARG A 362 0.25 -11.52 13.75
N ASP A 363 1.45 -11.75 14.26
CA ASP A 363 1.69 -12.73 15.31
C ASP A 363 1.04 -12.33 16.62
N SER A 364 1.17 -11.02 16.87
CA SER A 364 0.67 -10.48 18.14
C SER A 364 -0.86 -10.46 18.10
N ILE A 365 -1.46 -10.14 16.96
CA ILE A 365 -2.91 -10.22 16.81
C ILE A 365 -3.40 -11.66 16.95
N SER A 366 -2.68 -12.58 16.32
N SER A 366 -2.73 -12.61 16.32
CA SER A 366 -2.91 -14.02 16.32
CA SER A 366 -3.17 -14.00 16.45
C SER A 366 -2.87 -14.62 17.73
C SER A 366 -3.17 -14.43 17.92
N GLU A 367 -2.12 -14.00 18.61
CA GLU A 367 -1.86 -14.40 19.98
C GLU A 367 -2.62 -13.59 21.00
N GLY A 368 -3.34 -12.58 20.53
CA GLY A 368 -4.14 -11.73 21.41
C GLY A 368 -3.31 -10.84 22.31
N ARG A 369 -2.15 -10.43 21.80
CA ARG A 369 -1.28 -9.51 22.51
C ARG A 369 -0.86 -8.33 21.64
N PHE A 370 -1.72 -7.97 20.70
CA PHE A 370 -1.40 -6.86 19.82
C PHE A 370 -1.43 -5.50 20.51
N SER A 371 -2.37 -5.32 21.45
CA SER A 371 -2.40 -4.03 22.14
C SER A 371 -1.11 -3.84 22.93
N GLN A 372 -0.67 -4.90 23.62
CA GLN A 372 0.59 -4.75 24.33
C GLN A 372 1.73 -4.47 23.36
N PHE A 373 1.69 -5.17 22.21
CA PHE A 373 2.72 -4.97 21.19
C PHE A 373 2.74 -3.50 20.75
N ALA A 374 1.56 -2.96 20.49
CA ALA A 374 1.47 -1.59 19.98
C ALA A 374 2.03 -0.60 21.00
N GLN A 375 1.73 -0.84 22.28
CA GLN A 375 2.25 0.03 23.32
C GLN A 375 3.76 -0.12 23.46
N ASP A 376 4.23 -1.37 23.51
CA ASP A 376 5.65 -1.63 23.58
C ASP A 376 6.38 -1.01 22.39
N PHE A 377 5.78 -1.17 21.23
CA PHE A 377 6.38 -0.63 20.02
C PHE A 377 6.56 0.88 20.14
N ARG A 378 5.45 1.56 20.39
CA ARG A 378 5.50 3.02 20.43
C ARG A 378 6.43 3.48 21.54
N ALA A 379 6.49 2.70 22.62
CA ALA A 379 7.38 3.08 23.72
C ALA A 379 8.84 3.08 23.30
N ARG A 380 9.30 2.02 22.66
CA ARG A 380 10.67 1.96 22.19
C ARG A 380 10.87 2.86 20.98
N TYR A 381 9.90 2.90 20.08
CA TYR A 381 10.11 3.62 18.83
C TYR A 381 10.34 5.11 19.06
N PHE A 382 9.63 5.70 20.01
CA PHE A 382 9.79 7.12 20.31
C PHE A 382 10.74 7.40 21.46
ZN ZN B . 18.23 -5.02 8.42
N1 ITE C . -5.01 7.21 -4.41
N3 ITE C . -0.83 9.72 0.63
C4 ITE C . -3.74 9.04 -0.98
C5 ITE C . -1.77 9.33 -0.19
C6 ITE C . 0.59 9.48 0.38
C7 ITE C . -2.82 8.49 -1.85
C8 ITE C . -3.21 7.85 -3.02
C10 ITE C . -6.31 7.15 -4.74
C1 ITE C . -4.59 7.82 -3.29
C2 ITE C . -5.52 8.39 -2.41
C3 ITE C . -5.11 9.03 -1.22
N2 ITE C . -3.00 9.54 0.02
N4 ITE C . -1.59 8.70 -1.32
C9 ITE C . -6.86 8.30 -2.76
O1 ITE C . -7.86 8.84 -1.94
N5 ITE C . -7.23 7.69 -3.91
C1 GOL D . 10.33 -13.05 -7.22
O1 GOL D . 11.20 -12.84 -8.35
C2 GOL D . 9.14 -13.96 -7.63
O2 GOL D . 8.63 -13.60 -8.93
C3 GOL D . 8.02 -14.00 -6.56
O3 GOL D . 7.56 -15.36 -6.37
#